data_8OLJ
#
_entry.id   8OLJ
#
_cell.length_a   75.264
_cell.length_b   75.264
_cell.length_c   94.722
_cell.angle_alpha   90.00
_cell.angle_beta   90.00
_cell.angle_gamma   120.00
#
_symmetry.space_group_name_H-M   'P 32 2 1'
#
loop_
_entity.id
_entity.type
_entity.pdbx_description
1 polymer 'Archaeoglobus fulgidus AfAgo-N protein representing N-L1-L2 domains'
2 non-polymer GLYCEROL
3 non-polymer 'ISOPROPYL ALCOHOL'
4 non-polymer 'POTASSIUM ION'
5 non-polymer 2-AMINO-2-HYDROXYMETHYL-PROPANE-1,3-DIOL
6 non-polymer 'ACETIC ACID'
7 water water
#
_entity_poly.entity_id   1
_entity_poly.type   'polypeptide(L)'
_entity_poly.pdbx_seq_one_letter_code
;MGSSHHHHHHSQDPMEIPLSSGNVNTPDVRSSGILYINIYPIVNYPETIKVSAIPYYEEFLPGKWKKRIGDLIYLYGYGI
ENEFDEIDNSNALFGKIFRKYLLDILSENIATPWQLKELGSTLRLVKEITENYEFSNIIKLQYELIINVHHWQNTNFGII
VDLKINILDRENNQRISYTKIKDKYGESVKKKIWVSVQAFHRHLTPEGKKYATAMRDKFNLLTGLLKEAFGSSEDEKTFS
TPDGEIKIVFKPLEIVEVSNNDGI
;
_entity_poly.pdbx_strand_id   B
#
# COMPACT_ATOMS: atom_id res chain seq x y z
N VAL A 29 -0.95 -20.11 34.48
CA VAL A 29 -0.93 -18.60 34.36
C VAL A 29 -0.72 -18.24 32.90
N ARG A 30 -1.59 -17.36 32.37
CA ARG A 30 -1.57 -17.07 30.94
C ARG A 30 -1.20 -15.60 30.74
N SER A 31 -0.65 -15.29 29.60
CA SER A 31 -0.27 -13.93 29.29
C SER A 31 -1.40 -13.18 28.57
N SER A 32 -1.25 -11.85 28.56
CA SER A 32 -2.16 -10.91 27.93
C SER A 32 -1.38 -10.15 26.88
N GLY A 33 -2.05 -9.53 25.91
CA GLY A 33 -1.23 -8.85 24.94
C GLY A 33 -2.05 -7.99 23.99
N ILE A 34 -1.30 -7.25 23.18
N ILE A 34 -1.31 -7.20 23.21
CA ILE A 34 -1.90 -6.50 22.10
CA ILE A 34 -1.90 -6.39 22.15
C ILE A 34 -1.15 -6.80 20.83
C ILE A 34 -1.18 -6.73 20.85
N LEU A 35 -1.96 -7.08 19.81
CA LEU A 35 -1.42 -7.38 18.50
C LEU A 35 -1.77 -6.22 17.57
N TYR A 36 -0.74 -5.72 16.85
CA TYR A 36 -0.91 -4.72 15.80
C TYR A 36 -0.68 -5.40 14.47
N ILE A 37 -1.62 -5.22 13.54
CA ILE A 37 -1.50 -5.87 12.21
C ILE A 37 -1.44 -4.78 11.13
N ASN A 38 -0.90 -5.14 9.98
CA ASN A 38 -0.70 -4.16 8.87
C ASN A 38 -2.00 -3.99 8.08
N ILE A 39 -3.11 -3.87 8.79
CA ILE A 39 -4.41 -3.56 8.13
C ILE A 39 -4.80 -2.18 8.62
N TYR A 40 -5.05 -1.28 7.69
CA TYR A 40 -5.40 0.10 8.01
C TYR A 40 -6.87 0.24 7.62
N PRO A 41 -7.77 0.50 8.60
CA PRO A 41 -9.20 0.33 8.33
C PRO A 41 -9.80 1.53 7.61
N ILE A 42 -10.81 1.21 6.77
CA ILE A 42 -11.67 2.29 6.23
C ILE A 42 -12.75 2.43 7.32
N VAL A 43 -12.77 3.58 7.99
CA VAL A 43 -13.70 3.71 9.11
C VAL A 43 -15.02 4.36 8.67
N ASN A 44 -15.00 5.03 7.52
N ASN A 44 -15.04 5.02 7.50
CA ASN A 44 -16.22 5.61 6.97
CA ASN A 44 -16.29 5.58 6.99
C ASN A 44 -16.20 5.37 5.46
C ASN A 44 -16.28 5.58 5.46
N TYR A 45 -17.36 5.06 4.87
CA TYR A 45 -17.44 5.01 3.43
C TYR A 45 -18.91 5.18 3.06
N PRO A 46 -19.23 5.54 1.80
CA PRO A 46 -20.63 5.64 1.40
C PRO A 46 -21.30 4.26 1.41
N GLU A 47 -22.33 4.12 2.25
CA GLU A 47 -23.00 2.82 2.40
C GLU A 47 -23.90 2.52 1.21
N THR A 48 -24.25 3.57 0.44
CA THR A 48 -24.87 3.39 -0.87
C THR A 48 -23.98 4.07 -1.93
N ILE A 49 -23.79 3.39 -3.08
CA ILE A 49 -23.02 3.95 -4.17
C ILE A 49 -23.84 3.86 -5.46
N LYS A 50 -23.68 4.85 -6.34
CA LYS A 50 -24.24 4.80 -7.69
C LYS A 50 -23.51 3.79 -8.56
N VAL A 51 -24.27 3.02 -9.33
CA VAL A 51 -23.69 2.14 -10.33
C VAL A 51 -24.48 2.27 -11.62
N SER A 52 -23.87 1.94 -12.76
CA SER A 52 -24.60 1.90 -14.02
C SER A 52 -24.25 0.60 -14.72
N ALA A 53 -25.23 -0.27 -14.91
CA ALA A 53 -24.99 -1.56 -15.56
C ALA A 53 -25.11 -1.42 -17.07
N ILE A 54 -24.18 -2.05 -17.76
CA ILE A 54 -24.23 -2.18 -19.22
C ILE A 54 -23.96 -3.64 -19.54
N PRO A 55 -24.45 -4.15 -20.69
CA PRO A 55 -24.18 -5.55 -21.05
C PRO A 55 -22.68 -5.74 -21.21
N TYR A 56 -22.20 -6.92 -20.78
CA TYR A 56 -20.80 -7.25 -20.94
C TYR A 56 -20.50 -7.61 -22.39
N TYR A 57 -19.65 -6.83 -23.02
CA TYR A 57 -19.00 -7.15 -24.29
C TYR A 57 -17.51 -7.22 -24.00
N GLU A 58 -16.88 -8.29 -24.53
CA GLU A 58 -15.44 -8.47 -24.46
C GLU A 58 -14.75 -7.31 -25.17
N GLU A 59 -15.44 -6.70 -26.16
CA GLU A 59 -14.83 -5.64 -26.97
C GLU A 59 -14.55 -4.40 -26.12
N PHE A 60 -15.33 -4.15 -25.04
CA PHE A 60 -15.09 -2.96 -24.24
C PHE A 60 -13.76 -3.08 -23.52
N LEU A 61 -12.93 -2.04 -23.59
CA LEU A 61 -11.64 -2.09 -22.93
C LEU A 61 -11.87 -2.03 -21.42
N PRO A 62 -11.34 -2.99 -20.64
CA PRO A 62 -11.42 -2.85 -19.17
C PRO A 62 -10.58 -1.69 -18.65
N GLY A 63 -10.88 -1.23 -17.44
CA GLY A 63 -10.09 -0.16 -16.85
C GLY A 63 -10.73 0.39 -15.58
N LYS A 64 -10.20 1.53 -15.14
CA LYS A 64 -10.71 2.17 -13.93
C LYS A 64 -12.17 2.53 -14.09
N TRP A 65 -12.88 2.49 -12.95
CA TRP A 65 -14.27 2.98 -12.85
C TRP A 65 -15.26 2.01 -13.48
N LYS A 66 -14.87 0.76 -13.80
CA LYS A 66 -15.79 -0.21 -14.37
C LYS A 66 -15.36 -1.57 -13.83
N LYS A 67 -16.33 -2.45 -13.56
CA LYS A 67 -16.06 -3.80 -13.08
C LYS A 67 -17.02 -4.76 -13.76
N ARG A 68 -16.49 -5.80 -14.38
CA ARG A 68 -17.32 -6.86 -14.90
C ARG A 68 -17.77 -7.75 -13.74
N ILE A 69 -19.08 -8.03 -13.70
CA ILE A 69 -19.59 -9.06 -12.81
C ILE A 69 -20.57 -9.90 -13.63
N GLY A 70 -20.16 -11.12 -13.97
CA GLY A 70 -21.02 -11.97 -14.78
C GLY A 70 -21.24 -11.36 -16.18
N ASP A 71 -22.51 -11.27 -16.56
N ASP A 71 -22.50 -11.29 -16.61
CA ASP A 71 -22.86 -10.80 -17.89
CA ASP A 71 -22.77 -10.79 -17.96
C ASP A 71 -23.11 -9.29 -17.94
C ASP A 71 -23.04 -9.28 -17.98
N LEU A 72 -22.67 -8.56 -16.92
CA LEU A 72 -22.80 -7.10 -16.91
C LEU A 72 -21.45 -6.46 -16.59
N ILE A 73 -21.28 -5.22 -17.06
CA ILE A 73 -20.23 -4.33 -16.58
C ILE A 73 -20.90 -3.26 -15.73
N TYR A 74 -20.36 -3.02 -14.54
CA TYR A 74 -20.88 -1.95 -13.70
C TYR A 74 -19.92 -0.78 -13.73
N LEU A 75 -20.39 0.38 -14.18
CA LEU A 75 -19.67 1.63 -14.04
C LEU A 75 -19.91 2.16 -12.64
N TYR A 76 -18.93 2.88 -12.10
CA TYR A 76 -19.06 3.44 -10.76
C TYR A 76 -18.14 4.65 -10.64
N GLY A 77 -18.27 5.41 -9.55
CA GLY A 77 -17.35 6.51 -9.34
C GLY A 77 -17.38 7.48 -10.53
N TYR A 78 -16.20 7.88 -11.01
CA TYR A 78 -16.11 8.81 -12.11
C TYR A 78 -16.52 8.19 -13.44
N GLY A 79 -16.79 6.88 -13.41
CA GLY A 79 -17.27 6.20 -14.60
C GLY A 79 -18.75 6.45 -14.86
N ILE A 80 -19.47 6.97 -13.86
CA ILE A 80 -20.92 7.25 -14.05
C ILE A 80 -21.07 8.35 -15.10
N GLU A 81 -21.69 8.01 -16.25
CA GLU A 81 -21.88 8.99 -17.35
C GLU A 81 -23.10 9.92 -17.42
N ASN A 82 -24.31 9.36 -17.63
CA ASN A 82 -25.56 10.17 -17.48
C ASN A 82 -26.52 9.56 -16.46
N GLU A 83 -26.80 8.25 -16.51
CA GLU A 83 -27.83 7.65 -15.64
C GLU A 83 -27.24 6.65 -14.65
N PHE A 84 -28.04 6.13 -13.71
CA PHE A 84 -27.52 5.23 -12.69
C PHE A 84 -28.63 4.60 -11.87
N ASP A 85 -28.23 3.52 -11.21
CA ASP A 85 -28.94 2.86 -10.14
C ASP A 85 -28.07 3.01 -8.89
N GLU A 86 -28.52 2.36 -7.80
CA GLU A 86 -27.80 2.36 -6.55
C GLU A 86 -27.78 0.97 -5.95
N ILE A 87 -26.66 0.69 -5.27
CA ILE A 87 -26.60 -0.48 -4.41
C ILE A 87 -26.08 -0.07 -3.04
N ASP A 88 -26.54 -0.80 -2.02
CA ASP A 88 -26.05 -0.52 -0.68
C ASP A 88 -25.19 -1.67 -0.21
N ASN A 89 -24.58 -1.51 0.97
CA ASN A 89 -23.58 -2.45 1.46
C ASN A 89 -24.21 -3.74 2.02
N SER A 90 -25.54 -3.90 1.94
CA SER A 90 -26.13 -5.20 2.21
C SER A 90 -26.18 -6.07 0.95
N ASN A 91 -25.87 -5.48 -0.21
CA ASN A 91 -25.96 -6.17 -1.49
C ASN A 91 -24.68 -6.98 -1.72
N ALA A 92 -24.83 -8.24 -2.18
CA ALA A 92 -23.66 -9.06 -2.52
C ALA A 92 -22.73 -8.34 -3.50
N LEU A 93 -23.29 -7.54 -4.40
CA LEU A 93 -22.49 -6.87 -5.41
C LEU A 93 -21.58 -5.81 -4.78
N PHE A 94 -21.97 -5.29 -3.61
CA PHE A 94 -21.31 -4.08 -3.11
C PHE A 94 -19.83 -4.33 -2.85
N GLY A 95 -19.46 -5.43 -2.17
CA GLY A 95 -18.07 -5.73 -1.85
C GLY A 95 -17.21 -5.90 -3.11
N LYS A 96 -17.78 -6.55 -4.11
CA LYS A 96 -17.08 -6.79 -5.37
C LYS A 96 -16.73 -5.46 -6.04
N ILE A 97 -17.70 -4.55 -6.09
CA ILE A 97 -17.48 -3.24 -6.70
C ILE A 97 -16.58 -2.38 -5.81
N PHE A 98 -16.89 -2.34 -4.51
CA PHE A 98 -16.22 -1.36 -3.61
C PHE A 98 -14.73 -1.68 -3.51
N ARG A 99 -14.36 -2.96 -3.46
N ARG A 99 -14.34 -2.95 -3.52
CA ARG A 99 -12.94 -3.26 -3.36
CA ARG A 99 -12.91 -3.23 -3.34
C ARG A 99 -12.19 -2.50 -4.48
C ARG A 99 -12.08 -2.69 -4.52
N LYS A 100 -12.70 -2.62 -5.71
CA LYS A 100 -12.02 -2.04 -6.87
C LYS A 100 -12.11 -0.53 -6.85
N TYR A 101 -13.28 -0.02 -6.47
CA TYR A 101 -13.54 1.41 -6.34
C TYR A 101 -12.55 2.03 -5.38
N LEU A 102 -12.33 1.36 -4.23
CA LEU A 102 -11.42 1.90 -3.23
C LEU A 102 -10.01 2.04 -3.84
N LEU A 103 -9.51 1.02 -4.56
CA LEU A 103 -8.15 1.18 -5.13
C LEU A 103 -8.13 2.27 -6.22
N ASP A 104 -9.22 2.37 -7.00
CA ASP A 104 -9.26 3.40 -8.05
C ASP A 104 -9.21 4.79 -7.38
N ILE A 105 -9.94 5.00 -6.25
CA ILE A 105 -9.86 6.28 -5.55
C ILE A 105 -8.47 6.49 -4.95
N LEU A 106 -7.90 5.47 -4.32
CA LEU A 106 -6.57 5.63 -3.78
C LEU A 106 -5.58 6.07 -4.88
N SER A 107 -5.73 5.49 -6.08
CA SER A 107 -4.83 5.76 -7.21
C SER A 107 -4.95 7.21 -7.67
N GLU A 108 -6.02 7.95 -7.28
CA GLU A 108 -6.20 9.34 -7.63
C GLU A 108 -5.63 10.29 -6.56
N ASN A 109 -5.04 9.71 -5.51
CA ASN A 109 -4.63 10.47 -4.33
C ASN A 109 -3.17 10.20 -3.95
N ILE A 110 -2.36 9.82 -4.94
CA ILE A 110 -0.96 9.54 -4.70
C ILE A 110 -0.21 10.87 -4.62
N ALA A 111 0.55 11.06 -3.53
CA ALA A 111 1.29 12.30 -3.33
C ALA A 111 2.72 12.19 -3.84
N THR A 112 3.19 13.20 -4.57
CA THR A 112 4.60 13.24 -4.95
C THR A 112 5.46 13.17 -3.69
N PRO A 113 6.62 12.46 -3.65
CA PRO A 113 7.25 11.89 -4.85
C PRO A 113 6.90 10.44 -5.13
N TRP A 114 5.82 9.94 -4.52
CA TRP A 114 5.38 8.59 -4.86
C TRP A 114 4.80 8.55 -6.27
N GLN A 115 4.97 7.39 -6.91
CA GLN A 115 4.41 7.18 -8.24
C GLN A 115 3.69 5.83 -8.33
N LEU A 116 2.67 5.76 -9.19
CA LEU A 116 1.98 4.52 -9.46
C LEU A 116 2.90 3.57 -10.20
N LYS A 117 3.03 2.37 -9.66
CA LYS A 117 3.74 1.30 -10.37
C LYS A 117 2.73 0.35 -11.04
N GLU A 118 1.64 0.00 -10.34
CA GLU A 118 0.68 -0.92 -10.91
C GLU A 118 -0.67 -0.69 -10.24
N LEU A 119 -1.74 -0.74 -11.04
CA LEU A 119 -3.09 -0.83 -10.52
C LEU A 119 -3.78 -2.01 -11.19
N GLY A 120 -4.02 -3.06 -10.39
CA GLY A 120 -4.76 -4.23 -10.82
C GLY A 120 -5.60 -4.73 -9.66
N SER A 121 -5.41 -6.00 -9.31
CA SER A 121 -6.09 -6.47 -8.11
C SER A 121 -5.34 -5.92 -6.89
N THR A 122 -4.09 -5.48 -7.13
CA THR A 122 -3.25 -4.84 -6.12
C THR A 122 -2.91 -3.42 -6.59
N LEU A 123 -2.68 -2.49 -5.66
CA LEU A 123 -2.13 -1.17 -5.97
C LEU A 123 -0.69 -1.13 -5.47
N ARG A 124 0.24 -0.82 -6.39
CA ARG A 124 1.64 -0.75 -6.01
C ARG A 124 2.15 0.66 -6.26
N LEU A 125 2.83 1.24 -5.26
CA LEU A 125 3.35 2.60 -5.32
C LEU A 125 4.85 2.55 -5.06
N VAL A 126 5.64 3.43 -5.70
CA VAL A 126 7.09 3.40 -5.44
C VAL A 126 7.61 4.81 -5.20
N LYS A 127 8.72 4.86 -4.44
CA LYS A 127 9.46 6.12 -4.23
C LYS A 127 10.94 5.74 -4.21
N GLU A 128 11.75 6.48 -4.96
CA GLU A 128 13.20 6.29 -4.88
C GLU A 128 13.70 6.79 -3.53
N ILE A 129 14.63 6.05 -2.94
CA ILE A 129 15.30 6.51 -1.72
C ILE A 129 16.34 7.56 -2.10
N THR A 130 16.12 8.78 -1.62
CA THR A 130 17.02 9.89 -1.88
C THR A 130 17.86 10.25 -0.66
N GLU A 131 17.76 9.49 0.44
CA GLU A 131 18.69 9.66 1.54
C GLU A 131 20.06 9.19 1.04
N ASN A 132 21.12 9.78 1.60
CA ASN A 132 22.48 9.41 1.25
C ASN A 132 22.78 7.99 1.70
N TYR A 133 23.53 7.25 0.87
CA TYR A 133 24.10 5.93 1.23
C TYR A 133 25.33 5.79 0.33
N GLU A 134 26.40 5.13 0.82
N GLU A 134 26.39 5.12 0.82
CA GLU A 134 27.53 4.81 -0.04
CA GLU A 134 27.54 4.90 -0.05
C GLU A 134 27.06 4.02 -1.25
C GLU A 134 27.12 4.01 -1.23
N PHE A 135 27.64 4.36 -2.42
CA PHE A 135 27.35 3.67 -3.67
C PHE A 135 25.95 3.92 -4.21
N SER A 136 25.24 4.96 -3.70
N SER A 136 25.26 4.95 -3.66
CA SER A 136 23.96 5.36 -4.27
CA SER A 136 24.01 5.42 -4.23
C SER A 136 24.15 5.86 -5.72
C SER A 136 24.19 5.71 -5.73
N ASN A 137 25.38 6.23 -6.12
CA ASN A 137 25.62 6.63 -7.51
C ASN A 137 25.43 5.46 -8.49
N ILE A 138 25.73 4.22 -8.06
CA ILE A 138 25.63 3.07 -8.95
C ILE A 138 24.44 2.15 -8.63
N ILE A 139 23.94 2.15 -7.37
CA ILE A 139 22.86 1.24 -7.00
C ILE A 139 21.71 2.09 -6.52
N LYS A 140 20.55 1.95 -7.17
CA LYS A 140 19.32 2.68 -6.83
C LYS A 140 18.49 1.81 -5.89
N LEU A 141 17.98 2.42 -4.81
CA LEU A 141 17.08 1.72 -3.90
C LEU A 141 15.73 2.40 -3.96
N GLN A 142 14.66 1.62 -3.85
CA GLN A 142 13.33 2.17 -4.06
C GLN A 142 12.40 1.47 -3.05
N TYR A 143 11.64 2.29 -2.30
N TYR A 143 11.66 2.24 -2.25
CA TYR A 143 10.50 1.78 -1.53
CA TYR A 143 10.59 1.64 -1.45
C TYR A 143 9.39 1.35 -2.47
C TYR A 143 9.36 1.41 -2.33
N GLU A 144 8.72 0.25 -2.11
CA GLU A 144 7.50 -0.16 -2.81
C GLU A 144 6.43 -0.51 -1.77
N LEU A 145 5.29 0.19 -1.84
CA LEU A 145 4.13 -0.18 -1.03
C LEU A 145 3.23 -1.06 -1.87
N ILE A 146 2.80 -2.18 -1.29
N ILE A 146 2.81 -2.20 -1.32
CA ILE A 146 1.92 -3.12 -1.95
CA ILE A 146 1.89 -3.07 -2.05
C ILE A 146 0.61 -3.08 -1.18
C ILE A 146 0.59 -3.18 -1.24
N ILE A 147 -0.49 -2.69 -1.85
CA ILE A 147 -1.76 -2.44 -1.18
C ILE A 147 -2.83 -3.38 -1.72
N ASN A 148 -3.43 -4.15 -0.78
CA ASN A 148 -4.51 -5.06 -1.13
C ASN A 148 -5.72 -4.70 -0.26
N VAL A 149 -6.93 -4.88 -0.76
CA VAL A 149 -8.10 -4.60 0.06
C VAL A 149 -8.47 -5.87 0.81
N HIS A 150 -8.83 -5.69 2.08
CA HIS A 150 -9.35 -6.78 2.91
C HIS A 150 -10.79 -6.43 3.28
N HIS A 151 -11.67 -7.44 3.23
CA HIS A 151 -13.09 -7.23 3.45
C HIS A 151 -13.51 -8.29 4.44
N TRP A 152 -14.15 -7.89 5.57
CA TRP A 152 -14.51 -8.85 6.60
C TRP A 152 -15.81 -8.46 7.28
N GLN A 153 -16.46 -9.44 7.92
CA GLN A 153 -17.67 -9.24 8.68
C GLN A 153 -18.69 -8.43 7.85
N ASN A 154 -18.78 -8.77 6.56
CA ASN A 154 -19.78 -8.26 5.63
C ASN A 154 -19.57 -6.81 5.20
N THR A 155 -19.34 -5.90 6.17
CA THR A 155 -19.36 -4.49 5.86
C THR A 155 -18.05 -3.78 6.24
N ASN A 156 -17.02 -4.51 6.71
CA ASN A 156 -15.77 -3.86 7.11
C ASN A 156 -14.75 -4.00 5.98
N PHE A 157 -14.08 -2.88 5.69
CA PHE A 157 -13.01 -2.84 4.68
C PHE A 157 -11.77 -2.24 5.29
N GLY A 158 -10.63 -2.61 4.73
CA GLY A 158 -9.36 -2.05 5.14
C GLY A 158 -8.34 -2.34 4.05
N ILE A 159 -7.15 -1.73 4.18
CA ILE A 159 -6.08 -2.09 3.26
C ILE A 159 -4.97 -2.81 4.00
N ILE A 160 -4.53 -3.94 3.43
CA ILE A 160 -3.34 -4.62 3.94
C ILE A 160 -2.19 -4.04 3.14
N VAL A 161 -1.13 -3.63 3.83
CA VAL A 161 -0.02 -2.95 3.16
C VAL A 161 1.29 -3.62 3.53
N ASP A 162 2.04 -4.02 2.48
CA ASP A 162 3.39 -4.57 2.62
C ASP A 162 4.39 -3.56 2.06
N LEU A 163 5.61 -3.66 2.53
CA LEU A 163 6.69 -2.80 2.08
C LEU A 163 7.82 -3.69 1.56
N LYS A 164 8.36 -3.30 0.42
CA LYS A 164 9.57 -3.90 -0.13
C LYS A 164 10.57 -2.78 -0.36
N ILE A 165 11.86 -3.14 -0.39
CA ILE A 165 12.87 -2.23 -0.93
C ILE A 165 13.46 -2.92 -2.17
N ASN A 166 13.28 -2.31 -3.34
CA ASN A 166 13.88 -2.86 -4.55
C ASN A 166 15.31 -2.34 -4.72
N ILE A 167 16.17 -3.25 -5.19
CA ILE A 167 17.58 -2.93 -5.43
C ILE A 167 17.80 -2.97 -6.94
N LEU A 168 18.15 -1.81 -7.49
CA LEU A 168 18.21 -1.65 -8.95
C LEU A 168 19.62 -1.19 -9.35
N ASP A 169 20.09 -1.70 -10.50
CA ASP A 169 21.35 -1.21 -11.06
C ASP A 169 21.06 0.15 -11.70
N ARG A 170 21.64 1.22 -11.16
CA ARG A 170 21.16 2.55 -11.55
C ARG A 170 21.24 2.75 -13.05
N GLU A 171 22.34 2.29 -13.70
CA GLU A 171 22.56 2.66 -15.09
C GLU A 171 21.51 2.07 -16.03
N ASN A 172 20.83 0.97 -15.65
CA ASN A 172 19.86 0.37 -16.55
C ASN A 172 18.48 0.19 -15.89
N ASN A 173 18.34 0.58 -14.62
CA ASN A 173 17.07 0.51 -13.87
C ASN A 173 16.55 -0.93 -13.71
N GLN A 174 17.41 -1.93 -13.91
CA GLN A 174 16.94 -3.31 -13.75
C GLN A 174 17.21 -3.78 -12.32
N ARG A 175 16.42 -4.76 -11.88
CA ARG A 175 16.67 -5.41 -10.59
C ARG A 175 18.05 -6.05 -10.62
N ILE A 176 18.80 -5.96 -9.51
CA ILE A 176 20.10 -6.58 -9.45
C ILE A 176 20.26 -7.31 -8.10
N SER A 177 20.67 -8.57 -8.14
CA SER A 177 20.90 -9.38 -6.97
C SER A 177 22.16 -8.94 -6.24
N TYR A 178 22.34 -9.33 -4.95
CA TYR A 178 23.61 -9.10 -4.29
C TYR A 178 24.74 -9.83 -5.01
N THR A 179 24.44 -11.02 -5.57
CA THR A 179 25.44 -11.79 -6.30
C THR A 179 25.94 -11.00 -7.51
N LYS A 180 25.02 -10.44 -8.31
N LYS A 180 25.00 -10.39 -8.24
CA LYS A 180 25.43 -9.65 -9.45
CA LYS A 180 25.31 -9.63 -9.44
C LYS A 180 26.15 -8.36 -8.99
C LYS A 180 25.95 -8.28 -9.09
N ILE A 181 25.68 -7.70 -7.92
CA ILE A 181 26.41 -6.53 -7.42
C ILE A 181 27.88 -6.92 -7.16
N LYS A 182 28.11 -8.04 -6.49
CA LYS A 182 29.46 -8.48 -6.21
C LYS A 182 30.24 -8.67 -7.52
N ASP A 183 29.61 -9.35 -8.50
CA ASP A 183 30.29 -9.68 -9.76
C ASP A 183 30.63 -8.40 -10.53
N LYS A 184 29.71 -7.45 -10.56
CA LYS A 184 29.85 -6.29 -11.45
C LYS A 184 30.63 -5.16 -10.77
N TYR A 185 30.35 -4.93 -9.46
CA TYR A 185 30.84 -3.76 -8.74
C TYR A 185 31.78 -4.11 -7.58
N GLY A 186 31.84 -5.38 -7.19
CA GLY A 186 32.78 -5.80 -6.17
C GLY A 186 32.13 -6.10 -4.83
N GLU A 187 32.86 -6.87 -4.02
CA GLU A 187 32.39 -7.32 -2.71
C GLU A 187 32.14 -6.13 -1.77
N SER A 188 32.97 -5.09 -1.85
N SER A 188 33.00 -5.11 -1.83
N SER A 188 32.98 -5.09 -1.84
CA SER A 188 32.82 -3.97 -0.93
CA SER A 188 32.81 -3.99 -0.92
CA SER A 188 32.82 -3.97 -0.91
C SER A 188 31.49 -3.26 -1.14
C SER A 188 31.42 -3.38 -1.13
C SER A 188 31.49 -3.24 -1.14
N VAL A 189 31.06 -3.14 -2.40
CA VAL A 189 29.77 -2.54 -2.74
C VAL A 189 28.65 -3.45 -2.24
N LYS A 190 28.74 -4.76 -2.50
CA LYS A 190 27.70 -5.69 -2.05
C LYS A 190 27.49 -5.54 -0.53
N LYS A 191 28.56 -5.51 0.27
CA LYS A 191 28.45 -5.47 1.74
C LYS A 191 27.84 -4.13 2.17
N LYS A 192 28.27 -2.99 1.61
N LYS A 192 28.29 -3.02 1.59
CA LYS A 192 27.76 -1.68 2.02
CA LYS A 192 27.79 -1.72 2.00
C LYS A 192 26.28 -1.56 1.63
C LYS A 192 26.30 -1.62 1.66
N ILE A 193 25.89 -2.07 0.46
CA ILE A 193 24.48 -1.99 0.05
C ILE A 193 23.65 -2.84 1.01
N TRP A 194 24.10 -4.05 1.35
CA TRP A 194 23.30 -4.88 2.26
C TRP A 194 23.07 -4.12 3.58
N VAL A 195 24.10 -3.51 4.16
CA VAL A 195 23.88 -2.78 5.42
C VAL A 195 22.91 -1.64 5.20
N SER A 196 23.03 -0.89 4.09
CA SER A 196 22.15 0.24 3.84
C SER A 196 20.72 -0.25 3.69
N VAL A 197 20.48 -1.34 2.92
CA VAL A 197 19.12 -1.87 2.74
C VAL A 197 18.57 -2.26 4.12
N GLN A 198 19.37 -2.98 4.92
CA GLN A 198 18.89 -3.39 6.23
C GLN A 198 18.58 -2.15 7.09
N ALA A 199 19.39 -1.09 7.01
CA ALA A 199 19.11 0.13 7.77
C ALA A 199 17.82 0.80 7.26
N PHE A 200 17.59 0.81 5.92
CA PHE A 200 16.36 1.41 5.39
C PHE A 200 15.15 0.60 5.77
N HIS A 201 15.29 -0.71 6.04
CA HIS A 201 14.17 -1.49 6.58
C HIS A 201 13.96 -1.27 8.09
N ARG A 202 14.93 -0.64 8.76
CA ARG A 202 14.98 -0.45 10.21
C ARG A 202 15.39 -1.72 10.93
N HIS A 203 16.05 -2.66 10.22
CA HIS A 203 16.63 -3.82 10.87
C HIS A 203 17.95 -3.52 11.56
N LEU A 204 18.67 -2.50 11.09
CA LEU A 204 19.95 -2.11 11.65
C LEU A 204 19.94 -0.59 11.80
N THR A 205 20.82 -0.08 12.67
CA THR A 205 21.13 1.34 12.70
C THR A 205 21.97 1.68 11.47
N PRO A 206 22.19 2.98 11.20
CA PRO A 206 23.11 3.36 10.13
C PRO A 206 24.52 2.79 10.27
N GLU A 207 24.91 2.52 11.53
N GLU A 207 24.98 2.54 11.50
CA GLU A 207 26.21 1.99 11.89
CA GLU A 207 26.33 2.01 11.63
C GLU A 207 26.28 0.47 11.66
C GLU A 207 26.33 0.48 11.49
N GLY A 208 25.16 -0.13 11.24
CA GLY A 208 25.10 -1.56 10.94
C GLY A 208 24.90 -2.47 12.16
N LYS A 209 24.30 -1.91 13.24
CA LYS A 209 24.08 -2.66 14.48
C LYS A 209 22.60 -2.91 14.70
N LYS A 210 22.32 -4.02 15.39
CA LYS A 210 20.97 -4.26 15.89
C LYS A 210 20.69 -3.24 16.99
N TYR A 211 19.40 -3.00 17.27
CA TYR A 211 19.02 -2.03 18.28
C TYR A 211 17.64 -2.34 18.83
N ALA A 212 17.34 -1.72 19.99
CA ALA A 212 16.24 -2.15 20.85
C ALA A 212 14.87 -1.73 20.35
N THR A 213 14.79 -0.75 19.44
CA THR A 213 13.50 -0.32 18.92
C THR A 213 13.33 -0.69 17.44
N ALA A 214 14.14 -1.62 16.93
CA ALA A 214 14.10 -1.96 15.51
C ALA A 214 12.73 -2.47 15.09
N MET A 215 12.10 -3.37 15.86
CA MET A 215 10.85 -3.96 15.39
C MET A 215 9.73 -2.92 15.38
N ARG A 216 9.67 -2.10 16.43
CA ARG A 216 8.72 -0.98 16.49
C ARG A 216 8.97 -0.04 15.30
N ASP A 217 10.25 0.32 15.07
CA ASP A 217 10.56 1.28 14.02
C ASP A 217 10.21 0.73 12.64
N LYS A 218 10.34 -0.59 12.44
CA LYS A 218 9.98 -1.23 11.18
C LYS A 218 8.49 -0.97 10.89
N PHE A 219 7.62 -1.18 11.88
CA PHE A 219 6.16 -0.96 11.70
C PHE A 219 5.86 0.55 11.53
N ASN A 220 6.55 1.40 12.31
CA ASN A 220 6.29 2.82 12.17
C ASN A 220 6.76 3.33 10.80
N LEU A 221 7.82 2.72 10.23
CA LEU A 221 8.26 3.11 8.89
C LEU A 221 7.13 2.85 7.89
N LEU A 222 6.52 1.64 7.95
CA LEU A 222 5.44 1.29 7.03
C LEU A 222 4.32 2.31 7.16
N THR A 223 3.87 2.58 8.40
CA THR A 223 2.79 3.52 8.55
C THR A 223 3.15 4.91 8.04
N GLY A 224 4.38 5.37 8.34
CA GLY A 224 4.78 6.69 7.93
C GLY A 224 4.89 6.81 6.40
N LEU A 225 5.39 5.78 5.72
CA LEU A 225 5.50 5.85 4.25
C LEU A 225 4.10 5.83 3.65
N LEU A 226 3.20 5.01 4.22
CA LEU A 226 1.84 4.93 3.72
C LEU A 226 1.14 6.30 3.85
N LYS A 227 1.30 6.96 5.01
CA LYS A 227 0.72 8.28 5.18
C LYS A 227 1.29 9.25 4.16
N GLU A 228 2.62 9.18 3.94
CA GLU A 228 3.23 10.09 2.99
C GLU A 228 2.67 9.85 1.58
N ALA A 229 2.53 8.58 1.20
CA ALA A 229 2.09 8.24 -0.14
C ALA A 229 0.69 8.76 -0.44
N PHE A 230 -0.17 8.92 0.60
CA PHE A 230 -1.52 9.41 0.41
C PHE A 230 -1.70 10.83 0.94
N GLY A 231 -0.60 11.54 1.20
CA GLY A 231 -0.70 12.95 1.57
C GLY A 231 -1.45 13.14 2.89
N SER A 232 -1.24 12.23 3.87
CA SER A 232 -1.94 12.28 5.13
C SER A 232 -1.13 13.03 6.18
N SER A 233 -1.68 14.15 6.70
N SER A 233 -1.68 14.13 6.71
CA SER A 233 -0.99 14.97 7.69
CA SER A 233 -0.95 14.93 7.67
C SER A 233 -1.64 14.85 9.06
C SER A 233 -1.39 14.62 9.11
N GLU A 234 -2.43 13.79 9.24
CA GLU A 234 -2.96 13.43 10.54
C GLU A 234 -3.24 11.93 10.52
N ASP A 235 -3.67 11.34 11.64
CA ASP A 235 -4.03 9.93 11.70
C ASP A 235 -5.16 9.57 10.73
N GLU A 236 -6.17 10.44 10.59
CA GLU A 236 -7.26 10.11 9.69
C GLU A 236 -7.10 10.91 8.40
N LYS A 237 -7.39 10.27 7.26
CA LYS A 237 -7.39 10.95 5.98
C LYS A 237 -8.72 10.71 5.30
N THR A 238 -9.23 11.78 4.70
N THR A 238 -9.34 11.76 4.74
CA THR A 238 -10.44 11.78 3.90
CA THR A 238 -10.56 11.61 3.97
C THR A 238 -10.07 11.75 2.43
C THR A 238 -10.28 11.84 2.49
N PHE A 239 -10.79 10.91 1.69
CA PHE A 239 -10.70 10.92 0.24
C PHE A 239 -12.08 11.24 -0.31
N SER A 240 -12.13 12.13 -1.30
N SER A 240 -12.10 12.11 -1.31
CA SER A 240 -13.39 12.50 -1.94
CA SER A 240 -13.33 12.47 -2.02
C SER A 240 -13.79 11.46 -3.00
C SER A 240 -13.77 11.34 -2.94
N THR A 241 -15.09 11.11 -3.02
CA THR A 241 -15.64 10.32 -4.11
C THR A 241 -16.93 10.96 -4.54
N PRO A 242 -17.42 10.63 -5.76
CA PRO A 242 -18.75 11.12 -6.17
C PRO A 242 -19.91 10.64 -5.29
N ASP A 243 -19.67 9.59 -4.46
CA ASP A 243 -20.71 9.09 -3.56
C ASP A 243 -20.56 9.61 -2.14
N GLY A 244 -19.54 10.43 -1.88
CA GLY A 244 -19.27 10.89 -0.53
C GLY A 244 -17.90 10.41 -0.03
N GLU A 245 -17.56 10.74 1.20
CA GLU A 245 -16.18 10.58 1.65
C GLU A 245 -15.88 9.12 1.97
N ILE A 246 -14.60 8.77 1.75
CA ILE A 246 -14.01 7.58 2.34
C ILE A 246 -12.99 8.05 3.36
N LYS A 247 -13.04 7.52 4.59
CA LYS A 247 -12.03 7.92 5.58
C LYS A 247 -11.27 6.68 6.00
N ILE A 248 -9.93 6.79 5.95
N ILE A 248 -9.93 6.80 5.98
CA ILE A 248 -9.08 5.72 6.45
CA ILE A 248 -9.02 5.74 6.42
C ILE A 248 -8.43 6.27 7.72
C ILE A 248 -8.29 6.24 7.67
N VAL A 249 -8.16 5.38 8.67
CA VAL A 249 -7.31 5.72 9.78
C VAL A 249 -5.96 5.04 9.54
N PHE A 250 -4.90 5.83 9.47
CA PHE A 250 -3.56 5.31 9.21
C PHE A 250 -2.90 4.91 10.54
N LYS A 251 -3.56 3.98 11.24
CA LYS A 251 -2.97 3.32 12.39
C LYS A 251 -3.25 1.84 12.18
N PRO A 252 -2.25 0.99 12.48
N PRO A 252 -2.30 0.93 12.51
CA PRO A 252 -2.47 -0.46 12.45
CA PRO A 252 -2.55 -0.49 12.25
C PRO A 252 -3.72 -0.87 13.26
C PRO A 252 -3.58 -1.01 13.25
N LEU A 253 -4.47 -1.86 12.73
CA LEU A 253 -5.54 -2.45 13.54
C LEU A 253 -4.95 -3.12 14.76
N GLU A 254 -5.66 -2.94 15.88
N GLU A 254 -5.64 -2.90 15.90
CA GLU A 254 -5.18 -3.40 17.21
CA GLU A 254 -5.18 -3.43 17.21
C GLU A 254 -6.16 -4.44 17.77
C GLU A 254 -6.16 -4.47 17.72
N ILE A 255 -5.65 -5.57 18.25
CA ILE A 255 -6.48 -6.61 18.86
C ILE A 255 -5.92 -6.90 20.23
N VAL A 256 -6.78 -6.85 21.26
CA VAL A 256 -6.34 -6.93 22.66
C VAL A 256 -6.96 -8.16 23.30
N GLU A 257 -6.13 -8.96 23.97
CA GLU A 257 -6.59 -10.09 24.75
C GLU A 257 -6.11 -9.93 26.18
N VAL A 258 -7.03 -9.86 27.13
CA VAL A 258 -6.63 -9.78 28.54
C VAL A 258 -7.02 -11.10 29.20
N SER A 259 -6.02 -11.76 29.76
CA SER A 259 -6.20 -13.02 30.43
C SER A 259 -6.61 -12.74 31.86
N ASN A 260 -7.47 -13.62 32.34
CA ASN A 260 -7.90 -13.62 33.73
C ASN A 260 -7.17 -14.74 34.48
N ASN A 261 -6.11 -14.37 35.22
CA ASN A 261 -5.45 -15.31 36.10
C ASN A 261 -6.06 -15.23 37.50
#